data_4K0D
#
_entry.id   4K0D
#
_cell.length_a   87.693
_cell.length_b   75.184
_cell.length_c   51.031
_cell.angle_alpha   90.00
_cell.angle_beta   105.18
_cell.angle_gamma   90.00
#
_symmetry.space_group_name_H-M   'C 1 2 1'
#
loop_
_entity.id
_entity.type
_entity.pdbx_description
1 polymer 'Periplasmic sensor hybrid histidine kinase'
2 non-polymer 'ZINC ION'
3 non-polymer 'CHLORIDE ION'
4 non-polymer 'SODIUM ION'
5 non-polymer 'ACETATE ION'
6 water water
#
_entity_poly.entity_id   1
_entity_poly.type   'polypeptide(L)'
_entity_poly.pdbx_seq_one_letter_code
;LQGRIAASADAQLELIGPRAAAAASLESAVLHVSLTARAYALTPEPAR(MSE)DALQAALRRLEGAAARFAALPKSPEGA
ALSGRILAAVPPFEKAAVALGTAVATGGDDSAIRAREATLPP(MSE)REELLSLLRTFGALQQAHDAGASHTILAYQRDT
;
_entity_poly.pdbx_strand_id   A,B
#
# COMPACT_ATOMS: atom_id res chain seq x y z
N ILE A 5 1.27 -21.60 -15.08
CA ILE A 5 2.54 -21.94 -14.46
C ILE A 5 3.26 -20.60 -14.35
N ALA A 6 3.67 -20.10 -15.50
CA ALA A 6 4.23 -18.76 -15.57
C ALA A 6 3.05 -17.81 -15.32
N ALA A 7 1.92 -18.14 -15.94
CA ALA A 7 0.71 -17.38 -15.72
C ALA A 7 0.26 -17.43 -14.25
N SER A 8 0.38 -18.58 -13.61
CA SER A 8 0.00 -18.73 -12.20
C SER A 8 1.01 -18.04 -11.28
N ALA A 9 2.29 -18.10 -11.62
CA ALA A 9 3.27 -17.32 -10.84
C ALA A 9 2.85 -15.85 -10.90
N ASP A 10 2.64 -15.35 -12.13
CA ASP A 10 2.43 -13.94 -12.31
C ASP A 10 1.19 -13.53 -11.59
N ALA A 11 0.15 -14.35 -11.66
CA ALA A 11 -1.03 -14.12 -10.86
C ALA A 11 -0.68 -13.97 -9.36
N GLN A 12 0.25 -14.77 -8.85
CA GLN A 12 0.61 -14.65 -7.44
C GLN A 12 1.20 -13.30 -7.17
N LEU A 13 2.14 -12.91 -8.03
CA LEU A 13 2.92 -11.71 -7.71
C LEU A 13 2.09 -10.46 -7.85
N GLU A 14 1.07 -10.55 -8.67
CA GLU A 14 0.24 -9.40 -8.99
C GLU A 14 -0.75 -9.07 -7.89
N LEU A 15 -0.87 -9.97 -6.92
CA LEU A 15 -1.59 -9.63 -5.73
C LEU A 15 -0.91 -8.53 -4.88
N ILE A 16 0.41 -8.39 -4.99
CA ILE A 16 1.14 -7.44 -4.13
C ILE A 16 0.48 -6.09 -4.07
N GLY A 17 0.35 -5.42 -5.20
CA GLY A 17 -0.20 -4.09 -5.26
C GLY A 17 -1.57 -4.02 -4.59
N PRO A 18 -2.48 -4.88 -5.00
CA PRO A 18 -3.81 -4.84 -4.36
C PRO A 18 -3.78 -5.22 -2.88
N ARG A 19 -2.89 -6.12 -2.46
CA ARG A 19 -2.86 -6.52 -1.06
C ARG A 19 -2.42 -5.30 -0.23
N ALA A 20 -1.40 -4.60 -0.73
CA ALA A 20 -0.83 -3.48 -0.01
C ALA A 20 -1.87 -2.40 0.04
N ALA A 21 -2.64 -2.27 -1.06
CA ALA A 21 -3.63 -1.22 -1.19
C ALA A 21 -4.76 -1.47 -0.20
N ALA A 22 -5.14 -2.73 -0.06
CA ALA A 22 -6.24 -3.04 0.84
C ALA A 22 -5.82 -2.83 2.28
N ALA A 23 -4.60 -3.22 2.61
CA ALA A 23 -4.10 -2.97 3.95
C ALA A 23 -4.12 -1.48 4.28
N ALA A 24 -3.67 -0.63 3.35
CA ALA A 24 -3.58 0.79 3.65
C ALA A 24 -4.92 1.41 3.73
N SER A 25 -5.85 0.89 2.93
N SER A 25 -5.87 0.89 2.97
CA SER A 25 -7.22 1.33 2.92
CA SER A 25 -7.22 1.41 2.98
C SER A 25 -7.89 1.02 4.24
C SER A 25 -7.97 1.01 4.25
N LEU A 26 -7.64 -0.15 4.80
CA LEU A 26 -8.19 -0.49 6.08
C LEU A 26 -7.56 0.43 7.18
N GLU A 27 -6.27 0.63 7.09
CA GLU A 27 -5.59 1.54 7.91
C GLU A 27 -6.29 2.90 7.88
N SER A 28 -6.53 3.41 6.70
CA SER A 28 -7.01 4.77 6.52
C SER A 28 -8.49 4.85 7.02
N ALA A 29 -9.23 3.77 6.82
CA ALA A 29 -10.61 3.72 7.32
C ALA A 29 -10.61 3.78 8.85
N VAL A 30 -9.65 3.16 9.50
CA VAL A 30 -9.65 3.14 10.95
C VAL A 30 -9.34 4.54 11.38
N LEU A 31 -8.39 5.18 10.70
CA LEU A 31 -8.11 6.58 11.01
C LEU A 31 -9.33 7.50 10.83
N HIS A 32 -10.05 7.31 9.74
CA HIS A 32 -11.07 8.25 9.35
C HIS A 32 -12.23 8.13 10.35
N VAL A 33 -12.52 6.91 10.77
CA VAL A 33 -13.47 6.69 11.79
C VAL A 33 -13.03 7.41 13.06
N SER A 34 -11.79 7.19 13.53
CA SER A 34 -11.34 7.91 14.74
C SER A 34 -11.47 9.41 14.60
N LEU A 35 -11.08 9.94 13.45
CA LEU A 35 -11.10 11.36 13.21
C LEU A 35 -12.55 11.88 13.21
N THR A 36 -13.43 11.27 12.42
CA THR A 36 -14.85 11.68 12.41
C THR A 36 -15.58 11.51 13.74
N ALA A 37 -15.25 10.48 14.51
CA ALA A 37 -15.85 10.27 15.82
C ALA A 37 -15.39 11.35 16.76
N ARG A 38 -14.10 11.68 16.73
CA ARG A 38 -13.62 12.74 17.61
C ARG A 38 -14.33 14.05 17.22
N ALA A 39 -14.48 14.30 15.92
CA ALA A 39 -14.95 15.60 15.49
C ALA A 39 -16.43 15.74 15.87
N TYR A 40 -17.15 14.61 15.93
CA TYR A 40 -18.57 14.67 16.19
C TYR A 40 -18.75 14.84 17.68
N ALA A 41 -17.91 14.24 18.49
CA ALA A 41 -17.97 14.47 19.90
C ALA A 41 -17.77 15.95 20.15
N LEU A 42 -16.86 16.52 19.42
CA LEU A 42 -16.52 17.92 19.54
C LEU A 42 -17.55 18.97 19.12
N THR A 43 -18.48 18.63 18.27
CA THR A 43 -19.36 19.56 17.56
C THR A 43 -20.53 18.78 17.01
N PRO A 44 -21.59 18.63 17.81
CA PRO A 44 -22.64 17.65 17.47
C PRO A 44 -23.59 18.17 16.41
N GLU A 45 -23.09 18.51 15.24
CA GLU A 45 -23.89 18.94 14.12
C GLU A 45 -24.25 17.79 13.23
N PRO A 46 -25.26 18.01 12.40
CA PRO A 46 -25.77 17.05 11.41
C PRO A 46 -24.65 16.60 10.48
N ALA A 47 -23.87 17.52 9.92
CA ALA A 47 -22.89 17.14 8.92
C ALA A 47 -21.85 16.28 9.55
N ARG A 48 -21.65 16.44 10.85
CA ARG A 48 -20.61 15.68 11.54
C ARG A 48 -21.14 14.31 11.82
N ASP A 50 -23.20 12.83 10.08
CA ASP A 50 -23.34 12.14 8.79
C ASP A 50 -21.94 11.61 8.39
N ALA A 51 -20.91 12.42 8.56
CA ALA A 51 -19.56 12.02 8.21
C ALA A 51 -19.13 10.79 9.05
N LEU A 52 -19.52 10.73 10.31
CA LEU A 52 -19.20 9.55 11.09
C LEU A 52 -19.90 8.32 10.56
N GLN A 53 -21.19 8.46 10.27
CA GLN A 53 -21.91 7.32 9.74
C GLN A 53 -21.23 6.80 8.47
N ALA A 54 -20.89 7.72 7.56
CA ALA A 54 -20.25 7.34 6.30
C ALA A 54 -18.91 6.65 6.55
N ALA A 55 -18.24 7.06 7.63
CA ALA A 55 -16.95 6.50 7.95
C ALA A 55 -17.16 5.09 8.40
N LEU A 56 -18.20 4.83 9.18
CA LEU A 56 -18.35 3.43 9.62
C LEU A 56 -18.66 2.52 8.41
N ARG A 57 -19.41 3.02 7.44
CA ARG A 57 -19.69 2.18 6.26
C ARG A 57 -18.41 1.94 5.47
N ARG A 58 -17.57 2.97 5.41
CA ARG A 58 -16.29 2.89 4.69
C ARG A 58 -15.39 1.85 5.37
N LEU A 59 -15.42 1.81 6.69
CA LEU A 59 -14.69 0.82 7.48
C LEU A 59 -15.15 -0.59 7.22
N GLU A 60 -16.45 -0.83 7.27
CA GLU A 60 -16.95 -2.18 6.89
C GLU A 60 -16.53 -2.58 5.47
N GLY A 61 -16.62 -1.65 4.53
CA GLY A 61 -16.11 -1.88 3.19
C GLY A 61 -14.62 -2.19 3.14
N ALA A 62 -13.83 -1.51 3.96
CA ALA A 62 -12.40 -1.72 3.86
C ALA A 62 -12.04 -3.05 4.50
N ALA A 63 -12.73 -3.42 5.57
CA ALA A 63 -12.45 -4.69 6.23
C ALA A 63 -12.79 -5.80 5.27
N ALA A 64 -13.95 -5.72 4.65
CA ALA A 64 -14.30 -6.77 3.68
C ALA A 64 -13.27 -6.90 2.56
N ARG A 65 -12.84 -5.78 1.96
CA ARG A 65 -11.89 -5.88 0.88
C ARG A 65 -10.62 -6.55 1.41
N PHE A 66 -10.16 -6.11 2.58
CA PHE A 66 -8.96 -6.65 3.17
C PHE A 66 -9.13 -8.15 3.42
N ALA A 67 -10.27 -8.55 3.97
CA ALA A 67 -10.51 -9.95 4.29
C ALA A 67 -10.38 -10.86 3.06
N ALA A 68 -10.69 -10.33 1.88
CA ALA A 68 -10.74 -11.19 0.68
C ALA A 68 -9.35 -11.56 0.16
N LEU A 69 -8.32 -10.75 0.43
CA LEU A 69 -6.99 -11.04 -0.14
C LEU A 69 -6.34 -12.34 0.35
N PRO A 70 -5.80 -13.16 -0.57
CA PRO A 70 -4.95 -14.29 -0.16
C PRO A 70 -3.81 -13.68 0.62
N LYS A 71 -3.34 -14.32 1.67
CA LYS A 71 -2.25 -13.77 2.46
C LYS A 71 -1.21 -14.87 2.70
N SER A 72 0.02 -14.49 3.02
CA SER A 72 1.05 -15.46 3.38
C SER A 72 0.67 -16.07 4.70
N PRO A 73 1.27 -17.22 5.05
CA PRO A 73 0.87 -17.86 6.31
C PRO A 73 1.03 -16.95 7.55
N GLU A 74 2.18 -16.32 7.70
CA GLU A 74 2.39 -15.26 8.71
C GLU A 74 1.35 -14.16 8.55
N GLY A 75 1.09 -13.80 7.31
CA GLY A 75 0.18 -12.70 7.08
C GLY A 75 -1.24 -13.03 7.50
N ALA A 76 -1.61 -14.30 7.37
CA ALA A 76 -2.99 -14.69 7.56
C ALA A 76 -3.28 -14.77 9.05
N ALA A 77 -2.26 -15.07 9.83
CA ALA A 77 -2.45 -15.10 11.26
C ALA A 77 -2.80 -13.69 11.80
N LEU A 78 -1.98 -12.71 11.46
CA LEU A 78 -2.23 -11.33 11.88
C LEU A 78 -3.58 -10.84 11.32
N SER A 79 -3.86 -11.15 10.06
CA SER A 79 -5.07 -10.76 9.44
C SER A 79 -6.27 -11.19 10.26
N GLY A 80 -6.29 -12.43 10.74
CA GLY A 80 -7.39 -12.89 11.58
C GLY A 80 -7.57 -12.00 12.82
N ARG A 81 -6.46 -11.64 13.42
CA ARG A 81 -6.49 -10.79 14.61
C ARG A 81 -7.01 -9.39 14.25
N ILE A 82 -6.61 -8.90 13.09
CA ILE A 82 -7.02 -7.58 12.68
C ILE A 82 -8.54 -7.59 12.47
N LEU A 83 -9.03 -8.61 11.80
CA LEU A 83 -10.43 -8.62 11.43
C LEU A 83 -11.27 -8.86 12.66
N ALA A 84 -10.76 -9.66 13.57
CA ALA A 84 -11.50 -9.91 14.82
C ALA A 84 -11.60 -8.63 15.67
N ALA A 85 -10.64 -7.71 15.53
CA ALA A 85 -10.68 -6.47 16.31
C ALA A 85 -11.55 -5.39 15.66
N VAL A 86 -11.96 -5.59 14.42
CA VAL A 86 -12.66 -4.52 13.78
C VAL A 86 -14.08 -4.39 14.34
N PRO A 87 -14.82 -5.49 14.50
CA PRO A 87 -16.17 -5.27 15.05
C PRO A 87 -16.27 -4.55 16.42
N PRO A 88 -15.46 -4.92 17.42
CA PRO A 88 -15.44 -4.13 18.67
C PRO A 88 -15.15 -2.66 18.45
N PHE A 89 -14.21 -2.36 17.57
CA PHE A 89 -13.87 -0.98 17.28
C PHE A 89 -15.10 -0.29 16.72
N GLU A 90 -15.76 -0.90 15.73
CA GLU A 90 -16.95 -0.26 15.12
C GLU A 90 -18.00 -0.04 16.17
N LYS A 91 -18.16 -1.06 17.02
CA LYS A 91 -19.20 -1.09 18.00
C LYS A 91 -18.98 0.12 18.92
N ALA A 92 -17.74 0.35 19.29
CA ALA A 92 -17.44 1.37 20.28
C ALA A 92 -17.69 2.68 19.61
N ALA A 93 -17.27 2.83 18.36
CA ALA A 93 -17.50 4.10 17.68
C ALA A 93 -19.05 4.35 17.52
N VAL A 94 -19.82 3.30 17.33
CA VAL A 94 -21.26 3.48 17.21
C VAL A 94 -21.83 3.97 18.53
N ALA A 95 -21.39 3.40 19.66
CA ALA A 95 -21.85 3.86 20.96
C ALA A 95 -21.50 5.32 21.13
N LEU A 96 -20.28 5.72 20.76
CA LEU A 96 -19.94 7.14 20.88
C LEU A 96 -20.98 7.95 20.16
N GLY A 97 -21.24 7.61 18.89
CA GLY A 97 -22.02 8.47 18.03
C GLY A 97 -23.41 8.53 18.62
N THR A 98 -23.85 7.42 19.19
CA THR A 98 -25.18 7.35 19.75
C THR A 98 -25.30 8.20 21.01
N ALA A 99 -24.25 8.16 21.81
CA ALA A 99 -24.24 8.93 23.04
C ALA A 99 -24.37 10.40 22.69
N VAL A 100 -23.71 10.82 21.62
CA VAL A 100 -23.76 12.21 21.20
C VAL A 100 -25.13 12.53 20.64
N ALA A 101 -25.60 11.70 19.73
CA ALA A 101 -26.79 11.98 18.97
C ALA A 101 -27.99 12.12 19.91
N THR A 102 -27.99 11.32 20.98
CA THR A 102 -29.07 11.33 21.98
C THR A 102 -28.85 12.33 23.16
N GLY A 103 -27.89 13.24 23.02
CA GLY A 103 -27.73 14.29 24.02
C GLY A 103 -27.09 13.89 25.36
N GLY A 104 -26.19 12.91 25.36
CA GLY A 104 -25.54 12.45 26.57
C GLY A 104 -24.76 13.53 27.30
N ASP A 105 -24.64 13.38 28.65
CA ASP A 105 -23.64 14.04 29.56
C ASP A 105 -22.38 14.43 28.74
N ASP A 106 -21.84 15.65 28.87
CA ASP A 106 -20.48 15.88 28.33
C ASP A 106 -19.49 14.85 28.96
N SER A 107 -19.88 14.29 30.10
CA SER A 107 -19.04 13.30 30.75
C SER A 107 -19.22 11.91 30.18
N ALA A 108 -20.38 11.62 29.63
CA ALA A 108 -20.57 10.30 29.06
C ALA A 108 -19.96 10.25 27.65
N ILE A 109 -20.01 11.37 26.94
CA ILE A 109 -19.37 11.44 25.65
C ILE A 109 -17.88 11.21 25.81
N ARG A 110 -17.29 11.84 26.84
CA ARG A 110 -15.83 11.76 27.06
C ARG A 110 -15.49 10.32 27.31
N ALA A 111 -16.24 9.64 28.17
CA ALA A 111 -15.99 8.24 28.46
C ALA A 111 -16.16 7.28 27.27
N ARG A 112 -17.16 7.51 26.42
CA ARG A 112 -17.35 6.63 25.26
C ARG A 112 -16.15 6.79 24.36
N GLU A 113 -15.72 8.04 24.18
CA GLU A 113 -14.74 8.36 23.18
C GLU A 113 -13.36 7.91 23.61
N ALA A 114 -13.12 7.93 24.93
CA ALA A 114 -11.81 7.53 25.46
C ALA A 114 -11.50 6.07 25.21
N THR A 115 -12.53 5.31 24.87
CA THR A 115 -12.37 3.92 24.59
C THR A 115 -11.66 3.69 23.25
N LEU A 116 -11.72 4.65 22.35
CA LEU A 116 -11.40 4.39 20.96
C LEU A 116 -9.89 4.36 20.67
N PRO A 117 -9.14 5.33 21.19
CA PRO A 117 -7.73 5.43 20.80
C PRO A 117 -6.94 4.17 21.17
N PRO A 118 -7.14 3.57 22.37
CA PRO A 118 -6.38 2.30 22.53
C PRO A 118 -6.74 1.28 21.44
N ARG A 120 -7.72 1.91 18.38
CA ARG A 120 -7.19 2.40 17.15
C ARG A 120 -5.73 2.03 17.10
N GLU A 121 -4.98 2.30 18.17
CA GLU A 121 -3.54 2.05 18.19
C GLU A 121 -3.29 0.57 17.98
N GLU A 122 -4.06 -0.27 18.65
CA GLU A 122 -3.80 -1.68 18.50
C GLU A 122 -4.06 -2.05 17.06
N LEU A 123 -5.06 -1.42 16.45
CA LEU A 123 -5.48 -1.92 15.13
C LEU A 123 -4.43 -1.48 14.15
N LEU A 124 -3.92 -0.31 14.35
CA LEU A 124 -2.97 0.22 13.41
C LEU A 124 -1.64 -0.50 13.60
N SER A 125 -1.35 -0.95 14.82
CA SER A 125 -0.07 -1.61 15.07
C SER A 125 -0.08 -2.98 14.40
N LEU A 126 -1.18 -3.71 14.51
CA LEU A 126 -1.29 -5.01 13.83
C LEU A 126 -1.18 -4.87 12.30
N LEU A 127 -1.79 -3.85 11.73
CA LEU A 127 -1.72 -3.70 10.27
C LEU A 127 -0.27 -3.37 9.87
N ARG A 128 0.41 -2.59 10.68
CA ARG A 128 1.78 -2.22 10.37
C ARG A 128 2.69 -3.47 10.36
N THR A 129 2.44 -4.37 11.30
CA THR A 129 3.21 -5.58 11.41
C THR A 129 2.81 -6.45 10.25
N PHE A 130 1.52 -6.57 9.99
CA PHE A 130 1.10 -7.32 8.81
C PHE A 130 1.88 -6.83 7.57
N GLY A 131 1.99 -5.51 7.40
CA GLY A 131 2.62 -5.01 6.18
C GLY A 131 4.08 -5.53 6.16
N ALA A 132 4.80 -5.36 7.26
CA ALA A 132 6.17 -5.85 7.37
C ALA A 132 6.34 -7.33 7.03
N LEU A 133 5.53 -8.22 7.61
CA LEU A 133 5.76 -9.64 7.38
C LEU A 133 5.41 -10.02 5.94
N GLN A 134 4.28 -9.50 5.47
CA GLN A 134 3.80 -9.86 4.14
C GLN A 134 4.81 -9.43 3.10
N GLN A 135 5.34 -8.24 3.28
CA GLN A 135 6.26 -7.72 2.29
C GLN A 135 7.54 -8.57 2.29
N ALA A 136 7.88 -9.17 3.44
CA ALA A 136 9.10 -10.01 3.51
C ALA A 136 8.85 -11.31 2.75
N HIS A 137 7.67 -11.87 2.92
CA HIS A 137 7.31 -13.08 2.21
C HIS A 137 7.13 -12.79 0.74
N ASP A 138 6.67 -11.58 0.41
CA ASP A 138 6.58 -11.21 -1.01
C ASP A 138 7.96 -11.26 -1.63
N ALA A 139 8.95 -10.73 -0.90
CA ALA A 139 10.28 -10.64 -1.43
C ALA A 139 10.87 -12.06 -1.64
N GLY A 140 10.64 -12.99 -0.71
CA GLY A 140 11.10 -14.35 -0.87
C GLY A 140 10.42 -15.02 -2.06
N ALA A 141 9.09 -14.88 -2.18
CA ALA A 141 8.38 -15.55 -3.27
C ALA A 141 8.78 -14.91 -4.59
N SER A 142 9.07 -13.62 -4.54
CA SER A 142 9.43 -12.92 -5.73
C SER A 142 10.67 -13.57 -6.27
N HIS A 143 11.68 -13.72 -5.41
N HIS A 143 11.68 -13.70 -5.40
CA HIS A 143 12.95 -14.28 -5.88
CA HIS A 143 12.95 -14.24 -5.87
C HIS A 143 12.83 -15.70 -6.41
C HIS A 143 12.76 -15.65 -6.45
N THR A 144 11.95 -16.49 -5.83
CA THR A 144 11.76 -17.83 -6.32
C THR A 144 11.26 -17.80 -7.76
N ILE A 145 10.29 -16.95 -8.07
CA ILE A 145 9.71 -16.89 -9.41
C ILE A 145 10.66 -16.32 -10.45
N LEU A 146 11.27 -15.18 -10.16
CA LEU A 146 12.21 -14.59 -11.09
C LEU A 146 13.53 -15.38 -11.21
N ALA A 147 13.67 -16.47 -10.45
CA ALA A 147 14.88 -17.33 -10.57
C ALA A 147 14.65 -18.60 -11.39
N ILE B 5 -8.58 18.74 14.74
CA ILE B 5 -9.77 18.20 14.10
C ILE B 5 -10.35 19.23 13.12
N ALA B 6 -9.50 19.66 12.19
CA ALA B 6 -9.95 20.56 11.13
C ALA B 6 -10.06 19.80 9.81
N ALA B 7 -10.53 20.46 8.77
CA ALA B 7 -10.64 19.80 7.50
C ALA B 7 -9.23 19.61 6.97
N SER B 8 -8.35 20.56 7.26
CA SER B 8 -7.03 20.48 6.67
C SER B 8 -6.31 19.21 7.16
N ALA B 9 -6.79 18.67 8.27
CA ALA B 9 -6.15 17.50 8.86
C ALA B 9 -6.65 16.24 8.17
N ASP B 10 -7.92 16.25 7.73
CA ASP B 10 -8.43 15.11 7.02
C ASP B 10 -7.70 15.02 5.70
N ALA B 11 -7.42 16.16 5.10
CA ALA B 11 -6.86 16.20 3.78
C ALA B 11 -5.44 15.64 3.86
N GLN B 12 -4.75 16.04 4.90
CA GLN B 12 -3.44 15.51 5.14
C GLN B 12 -3.51 13.97 5.33
N LEU B 13 -4.35 13.48 6.24
CA LEU B 13 -4.39 12.06 6.57
C LEU B 13 -4.88 11.20 5.40
N GLU B 14 -5.68 11.80 4.52
CA GLU B 14 -6.31 11.02 3.43
C GLU B 14 -5.32 10.74 2.31
N LEU B 15 -4.16 11.37 2.39
CA LEU B 15 -3.10 11.06 1.48
C LEU B 15 -2.42 9.72 1.78
N ILE B 16 -2.57 9.20 2.98
CA ILE B 16 -1.86 7.98 3.36
C ILE B 16 -2.13 6.85 2.39
N GLY B 17 -3.39 6.56 2.15
CA GLY B 17 -3.78 5.40 1.40
C GLY B 17 -3.28 5.43 -0.03
N PRO B 18 -3.60 6.50 -0.76
CA PRO B 18 -3.16 6.62 -2.16
C PRO B 18 -1.66 6.60 -2.30
N ARG B 19 -0.95 7.20 -1.37
CA ARG B 19 0.49 7.25 -1.48
C ARG B 19 1.03 5.85 -1.29
N ALA B 20 0.44 5.12 -0.36
CA ALA B 20 0.93 3.78 -0.09
C ALA B 20 0.65 2.90 -1.31
N ALA B 21 -0.49 3.16 -1.94
CA ALA B 21 -0.95 2.35 -3.04
C ALA B 21 -0.03 2.58 -4.21
N ALA B 22 0.36 3.83 -4.42
CA ALA B 22 1.18 4.19 -5.56
C ALA B 22 2.62 3.66 -5.43
N ALA B 23 3.09 3.53 -4.20
CA ALA B 23 4.34 2.93 -3.90
C ALA B 23 4.31 1.41 -4.20
N ALA B 24 3.29 0.72 -3.69
CA ALA B 24 3.17 -0.72 -3.96
C ALA B 24 3.05 -0.95 -5.45
N SER B 25 2.28 -0.10 -6.10
CA SER B 25 2.00 -0.29 -7.51
C SER B 25 3.25 -0.11 -8.36
N LEU B 26 4.14 0.79 -7.94
CA LEU B 26 5.39 0.98 -8.67
C LEU B 26 6.30 -0.23 -8.40
N GLU B 27 6.42 -0.62 -7.14
N GLU B 27 6.42 -0.64 -7.15
CA GLU B 27 7.06 -1.89 -6.75
CA GLU B 27 7.09 -1.90 -6.82
C GLU B 27 6.61 -3.03 -7.71
C GLU B 27 6.61 -3.01 -7.77
N SER B 28 5.31 -3.22 -7.84
CA SER B 28 4.73 -4.26 -8.75
C SER B 28 5.07 -4.05 -10.27
N ALA B 29 5.05 -2.83 -10.75
CA ALA B 29 5.32 -2.57 -12.18
C ALA B 29 6.79 -2.95 -12.45
N VAL B 30 7.64 -2.74 -11.47
CA VAL B 30 9.02 -2.99 -11.64
C VAL B 30 9.23 -4.51 -11.69
N LEU B 31 8.60 -5.23 -10.75
CA LEU B 31 8.66 -6.69 -10.79
C LEU B 31 8.17 -7.17 -12.13
N HIS B 32 7.08 -6.58 -12.59
CA HIS B 32 6.35 -7.09 -13.73
C HIS B 32 7.23 -6.88 -14.97
N VAL B 33 7.95 -5.77 -15.05
CA VAL B 33 8.85 -5.60 -16.18
C VAL B 33 9.96 -6.68 -16.11
N SER B 34 10.46 -6.98 -14.91
CA SER B 34 11.45 -8.02 -14.77
C SER B 34 10.92 -9.34 -15.16
N LEU B 35 9.69 -9.65 -14.75
CA LEU B 35 9.17 -10.97 -15.00
C LEU B 35 8.88 -11.18 -16.48
N THR B 36 8.34 -10.20 -17.17
CA THR B 36 8.02 -10.35 -18.59
C THR B 36 9.31 -10.31 -19.40
N ALA B 37 10.32 -9.60 -18.93
CA ALA B 37 11.53 -9.54 -19.74
C ALA B 37 12.20 -10.91 -19.74
N ARG B 38 12.22 -11.51 -18.57
CA ARG B 38 12.84 -12.80 -18.38
C ARG B 38 12.03 -13.84 -19.18
N ALA B 39 10.71 -13.73 -19.18
CA ALA B 39 9.96 -14.83 -19.72
C ALA B 39 10.16 -14.76 -21.22
N TYR B 40 10.15 -13.55 -21.77
CA TYR B 40 10.42 -13.33 -23.16
C TYR B 40 11.77 -13.91 -23.60
N ALA B 41 12.81 -13.62 -22.84
CA ALA B 41 14.13 -14.07 -23.19
C ALA B 41 14.20 -15.59 -23.12
N LEU B 42 13.53 -16.21 -22.14
CA LEU B 42 13.51 -17.66 -22.07
C LEU B 42 12.78 -18.29 -23.23
N THR B 43 11.68 -17.68 -23.64
CA THR B 43 10.79 -18.31 -24.60
C THR B 43 10.24 -17.26 -25.54
N PRO B 44 11.05 -16.89 -26.54
CA PRO B 44 10.69 -15.78 -27.43
C PRO B 44 9.44 -16.13 -28.22
N GLU B 45 8.37 -15.40 -27.95
CA GLU B 45 7.17 -15.61 -28.68
C GLU B 45 6.33 -14.33 -28.61
N PRO B 46 5.39 -14.16 -29.55
CA PRO B 46 4.74 -12.90 -29.84
C PRO B 46 4.03 -12.35 -28.63
N ALA B 47 3.26 -13.17 -27.94
CA ALA B 47 2.50 -12.68 -26.80
C ALA B 47 3.41 -12.28 -25.68
N ARG B 48 4.61 -12.83 -25.64
CA ARG B 48 5.54 -12.49 -24.57
C ARG B 48 6.29 -11.19 -24.88
N ASP B 50 4.70 -8.88 -26.51
CA ASP B 50 3.59 -7.95 -26.25
C ASP B 50 3.54 -7.60 -24.78
N ALA B 51 3.65 -8.60 -23.90
CA ALA B 51 3.53 -8.38 -22.46
C ALA B 51 4.67 -7.50 -21.93
N LEU B 52 5.89 -7.69 -22.43
CA LEU B 52 7.01 -6.89 -21.98
C LEU B 52 6.75 -5.45 -22.35
N GLN B 53 6.26 -5.29 -23.58
CA GLN B 53 5.87 -3.99 -24.06
C GLN B 53 4.81 -3.36 -23.19
N ALA B 54 3.75 -4.12 -22.93
CA ALA B 54 2.71 -3.64 -22.04
C ALA B 54 3.29 -3.33 -20.64
N ALA B 55 4.20 -4.15 -20.14
CA ALA B 55 4.75 -3.94 -18.79
C ALA B 55 5.47 -2.64 -18.74
N LEU B 56 6.08 -2.26 -19.84
CA LEU B 56 6.84 -1.03 -19.85
C LEU B 56 5.90 0.17 -19.73
N ARG B 57 4.80 0.17 -20.46
CA ARG B 57 3.79 1.25 -20.38
C ARG B 57 3.18 1.31 -18.99
N ARG B 58 2.90 0.16 -18.40
CA ARG B 58 2.47 0.11 -17.04
C ARG B 58 3.49 0.74 -16.04
N LEU B 59 4.77 0.45 -16.21
CA LEU B 59 5.77 1.03 -15.36
C LEU B 59 5.80 2.53 -15.56
N GLU B 60 5.75 3.02 -16.78
CA GLU B 60 5.77 4.46 -16.94
C GLU B 60 4.55 5.11 -16.21
N GLY B 61 3.39 4.47 -16.27
CA GLY B 61 2.18 4.97 -15.59
C GLY B 61 2.33 4.91 -14.08
N ALA B 62 2.88 3.84 -13.54
CA ALA B 62 3.06 3.73 -12.09
C ALA B 62 4.05 4.76 -11.59
N ALA B 63 5.09 5.02 -12.37
CA ALA B 63 6.06 5.99 -11.93
C ALA B 63 5.40 7.35 -11.88
N ALA B 64 4.55 7.63 -12.87
CA ALA B 64 3.93 8.95 -12.99
C ALA B 64 2.96 9.13 -11.82
N ARG B 65 2.17 8.11 -11.48
CA ARG B 65 1.28 8.24 -10.30
C ARG B 65 2.08 8.47 -9.03
N PHE B 66 3.21 7.78 -8.89
CA PHE B 66 3.98 7.93 -7.69
C PHE B 66 4.66 9.28 -7.60
N ALA B 67 5.17 9.77 -8.72
CA ALA B 67 5.78 11.07 -8.78
C ALA B 67 4.77 12.20 -8.46
N ALA B 68 3.49 11.95 -8.70
CA ALA B 68 2.49 13.04 -8.56
C ALA B 68 2.13 13.34 -7.12
N LEU B 69 2.33 12.38 -6.21
CA LEU B 69 1.81 12.54 -4.84
C LEU B 69 2.81 13.28 -3.94
N PRO B 70 2.31 14.12 -2.97
CA PRO B 70 3.30 14.73 -2.08
C PRO B 70 3.92 13.67 -1.16
N LYS B 71 5.15 13.88 -0.74
CA LYS B 71 5.82 12.92 0.12
C LYS B 71 6.39 13.69 1.33
N SER B 72 6.66 12.96 2.39
CA SER B 72 7.25 13.56 3.57
C SER B 72 8.68 14.01 3.20
N PRO B 73 9.30 14.83 4.04
CA PRO B 73 10.66 15.28 3.67
C PRO B 73 11.72 14.18 3.62
N GLU B 74 11.61 13.21 4.52
CA GLU B 74 12.45 12.02 4.51
C GLU B 74 12.36 11.25 3.20
N GLY B 75 11.13 11.17 2.69
CA GLY B 75 10.85 10.37 1.52
C GLY B 75 11.44 11.05 0.32
N ALA B 76 11.33 12.37 0.30
CA ALA B 76 11.60 13.19 -0.87
C ALA B 76 12.99 12.95 -1.46
N ALA B 77 13.93 12.62 -0.58
CA ALA B 77 15.26 12.16 -0.98
C ALA B 77 15.19 10.87 -1.79
N LEU B 78 14.78 9.81 -1.08
CA LEU B 78 14.67 8.51 -1.69
C LEU B 78 13.85 8.65 -2.98
N SER B 79 12.70 9.32 -2.89
CA SER B 79 11.78 9.54 -4.00
C SER B 79 12.49 10.01 -5.27
N GLY B 80 13.24 11.09 -5.17
CA GLY B 80 13.90 11.66 -6.34
C GLY B 80 14.75 10.62 -7.03
N ARG B 81 15.42 9.79 -6.24
CA ARG B 81 16.36 8.82 -6.77
C ARG B 81 15.58 7.62 -7.35
N ILE B 82 14.47 7.25 -6.71
CA ILE B 82 13.66 6.17 -7.22
C ILE B 82 13.27 6.54 -8.64
N LEU B 83 12.70 7.72 -8.79
CA LEU B 83 12.13 8.09 -10.09
C LEU B 83 13.21 8.20 -11.15
N ALA B 84 14.40 8.63 -10.77
CA ALA B 84 15.43 8.78 -11.77
C ALA B 84 15.91 7.40 -12.16
N ALA B 85 15.67 6.39 -11.32
CA ALA B 85 16.18 5.06 -11.63
C ALA B 85 15.35 4.37 -12.73
N VAL B 86 14.16 4.90 -13.00
CA VAL B 86 13.19 4.18 -13.82
C VAL B 86 13.61 4.16 -15.28
N PRO B 87 13.88 5.32 -15.88
CA PRO B 87 14.29 5.37 -17.28
C PRO B 87 15.50 4.47 -17.60
N PRO B 88 16.54 4.46 -16.74
CA PRO B 88 17.67 3.59 -17.08
C PRO B 88 17.24 2.13 -17.05
N PHE B 89 16.34 1.82 -16.13
CA PHE B 89 15.97 0.43 -16.00
C PHE B 89 15.12 0.11 -17.21
N GLU B 90 14.26 1.01 -17.63
CA GLU B 90 13.45 0.71 -18.80
C GLU B 90 14.34 0.56 -20.02
N LYS B 91 15.38 1.40 -20.10
CA LYS B 91 16.21 1.44 -21.29
C LYS B 91 16.93 0.10 -21.44
N ALA B 92 17.41 -0.43 -20.31
CA ALA B 92 18.03 -1.76 -20.31
C ALA B 92 17.03 -2.84 -20.67
N ALA B 93 15.80 -2.64 -20.24
CA ALA B 93 14.79 -3.66 -20.50
C ALA B 93 14.50 -3.70 -22.00
N VAL B 94 14.34 -2.53 -22.63
CA VAL B 94 14.15 -2.42 -24.06
C VAL B 94 15.31 -3.06 -24.82
N ALA B 95 16.52 -2.87 -24.30
CA ALA B 95 17.71 -3.39 -24.98
C ALA B 95 17.74 -4.91 -24.87
N LEU B 96 17.29 -5.45 -23.74
CA LEU B 96 17.18 -6.90 -23.67
C LEU B 96 16.13 -7.37 -24.69
N GLY B 97 14.99 -6.70 -24.74
CA GLY B 97 13.93 -7.11 -25.63
C GLY B 97 14.42 -7.10 -27.06
N THR B 98 14.99 -5.97 -27.43
CA THR B 98 15.36 -5.69 -28.79
C THR B 98 16.42 -6.73 -29.19
N ALA B 99 17.22 -7.15 -28.22
CA ALA B 99 18.24 -8.14 -28.50
C ALA B 99 17.62 -9.50 -28.82
N VAL B 100 16.66 -9.92 -27.99
CA VAL B 100 15.94 -11.13 -28.25
C VAL B 100 15.27 -10.98 -29.58
N ALA B 101 14.63 -9.86 -29.85
CA ALA B 101 13.87 -9.76 -31.08
C ALA B 101 14.74 -9.84 -32.35
N THR B 102 15.86 -9.12 -32.38
CA THR B 102 16.65 -8.97 -33.59
C THR B 102 17.51 -10.18 -33.78
N GLY B 103 17.43 -11.14 -32.88
CA GLY B 103 18.04 -12.44 -33.18
C GLY B 103 19.40 -12.59 -32.56
N GLY B 104 19.53 -12.06 -31.36
CA GLY B 104 20.80 -12.03 -30.65
C GLY B 104 21.49 -13.36 -30.36
N ASP B 105 22.78 -13.26 -30.13
CA ASP B 105 23.66 -14.39 -29.83
C ASP B 105 23.40 -14.84 -28.40
N ASP B 106 23.09 -16.12 -28.19
CA ASP B 106 22.78 -16.57 -26.83
C ASP B 106 23.66 -15.91 -25.72
N SER B 107 24.90 -15.54 -26.05
CA SER B 107 25.79 -14.86 -25.08
C SER B 107 25.40 -13.40 -24.80
N ALA B 108 25.20 -12.62 -25.87
CA ALA B 108 24.93 -11.19 -25.74
C ALA B 108 23.63 -10.96 -24.96
N ILE B 109 22.65 -11.84 -25.21
CA ILE B 109 21.35 -11.78 -24.57
C ILE B 109 21.50 -12.13 -23.09
N ARG B 110 22.29 -13.13 -22.75
CA ARG B 110 22.58 -13.38 -21.35
C ARG B 110 23.21 -12.14 -20.71
N ALA B 111 24.04 -11.40 -21.42
CA ALA B 111 24.65 -10.20 -20.82
C ALA B 111 23.60 -9.10 -20.53
N ARG B 112 22.80 -8.78 -21.53
CA ARG B 112 21.77 -7.78 -21.34
C ARG B 112 20.86 -8.22 -20.22
N GLU B 113 20.60 -9.52 -20.10
CA GLU B 113 19.65 -10.00 -19.10
C GLU B 113 20.23 -9.78 -17.74
N ALA B 114 21.50 -10.01 -17.62
CA ALA B 114 22.16 -10.01 -16.35
C ALA B 114 22.18 -8.63 -15.80
N THR B 115 22.00 -7.65 -16.65
CA THR B 115 22.13 -6.27 -16.26
C THR B 115 20.84 -5.72 -15.64
N LEU B 116 19.87 -6.56 -15.44
CA LEU B 116 18.57 -6.13 -15.03
C LEU B 116 18.35 -6.28 -13.59
N PRO B 117 18.49 -7.49 -13.10
CA PRO B 117 18.26 -7.74 -11.68
C PRO B 117 18.98 -6.79 -10.70
N PRO B 118 20.23 -6.36 -10.99
CA PRO B 118 20.88 -5.45 -10.04
C PRO B 118 20.09 -4.18 -9.95
N ARG B 120 16.93 -3.77 -10.77
CA ARG B 120 15.66 -4.07 -10.13
C ARG B 120 15.82 -4.00 -8.59
N GLU B 121 16.81 -4.73 -8.05
CA GLU B 121 16.89 -4.90 -6.59
C GLU B 121 17.21 -3.60 -5.91
N GLU B 122 18.00 -2.78 -6.55
CA GLU B 122 18.36 -1.52 -5.97
C GLU B 122 17.10 -0.64 -5.93
N LEU B 123 16.41 -0.57 -7.03
CA LEU B 123 15.20 0.24 -7.10
C LEU B 123 14.21 -0.27 -6.08
N LEU B 124 14.07 -1.58 -5.97
CA LEU B 124 13.06 -2.08 -5.06
C LEU B 124 13.49 -1.80 -3.62
N SER B 125 14.80 -1.84 -3.38
CA SER B 125 15.30 -1.61 -2.05
C SER B 125 14.95 -0.16 -1.65
N LEU B 126 15.31 0.80 -2.49
CA LEU B 126 14.94 2.16 -2.28
C LEU B 126 13.46 2.30 -2.00
N LEU B 127 12.64 1.65 -2.81
CA LEU B 127 11.22 1.86 -2.67
C LEU B 127 10.76 1.38 -1.32
N ARG B 128 11.27 0.23 -0.90
N ARG B 128 11.31 0.24 -0.91
CA ARG B 128 10.84 -0.32 0.37
CA ARG B 128 10.92 -0.38 0.33
C ARG B 128 11.37 0.55 1.54
C ARG B 128 11.40 0.48 1.52
N THR B 129 12.53 1.15 1.36
CA THR B 129 13.03 2.04 2.42
C THR B 129 12.10 3.25 2.49
N PHE B 130 11.82 3.83 1.32
CA PHE B 130 10.84 4.90 1.24
C PHE B 130 9.53 4.53 1.93
N GLY B 131 9.04 3.34 1.70
CA GLY B 131 7.78 2.96 2.33
C GLY B 131 7.89 2.97 3.86
N ALA B 132 9.01 2.48 4.37
CA ALA B 132 9.15 2.34 5.80
C ALA B 132 9.26 3.72 6.42
N LEU B 133 10.01 4.61 5.80
CA LEU B 133 10.14 5.93 6.36
C LEU B 133 8.79 6.67 6.31
N GLN B 134 8.12 6.62 5.18
CA GLN B 134 6.85 7.36 5.01
C GLN B 134 5.81 6.86 5.99
N GLN B 135 5.83 5.57 6.22
CA GLN B 135 4.93 4.98 7.18
C GLN B 135 5.21 5.55 8.60
N ALA B 136 6.48 5.63 8.97
CA ALA B 136 6.84 6.13 10.30
C ALA B 136 6.40 7.56 10.36
N HIS B 137 6.57 8.32 9.28
CA HIS B 137 6.16 9.71 9.31
C HIS B 137 4.63 9.84 9.38
N ASP B 138 3.90 9.04 8.62
CA ASP B 138 2.46 9.09 8.68
C ASP B 138 1.92 8.66 10.03
N ALA B 139 2.56 7.69 10.65
CA ALA B 139 2.12 7.25 11.95
C ALA B 139 2.30 8.38 13.02
N GLY B 140 3.40 9.12 12.93
CA GLY B 140 3.63 10.23 13.84
C GLY B 140 2.67 11.40 13.54
N ALA B 141 2.33 11.63 12.28
CA ALA B 141 1.46 12.76 11.98
C ALA B 141 0.04 12.43 12.44
N SER B 142 -0.41 11.22 12.15
CA SER B 142 -1.70 10.77 12.63
C SER B 142 -1.81 10.89 14.13
N HIS B 143 -0.80 10.41 14.83
CA HIS B 143 -0.86 10.42 16.26
C HIS B 143 -1.07 11.83 16.76
N THR B 144 -0.28 12.75 16.21
CA THR B 144 -0.27 14.12 16.65
C THR B 144 -1.62 14.73 16.33
N ILE B 145 -2.11 14.44 15.13
CA ILE B 145 -3.40 14.99 14.78
C ILE B 145 -4.49 14.50 15.70
N LEU B 146 -4.44 13.24 16.14
CA LEU B 146 -5.50 12.79 17.02
C LEU B 146 -5.18 13.00 18.50
N ALA B 147 -4.15 13.78 18.83
CA ALA B 147 -3.78 13.93 20.23
C ALA B 147 -4.83 14.81 20.95
N TYR B 148 -5.06 14.57 22.24
CA TYR B 148 -5.99 15.36 23.06
C TYR B 148 -5.43 16.76 23.38
N GLN B 149 -6.28 17.79 23.24
CA GLN B 149 -5.82 19.18 23.44
C GLN B 149 -6.27 19.75 24.79
#